data_5KL1
#
_entry.id   5KL1
#
_cell.length_a   137.007
_cell.length_b   137.007
_cell.length_c   221.401
_cell.angle_alpha   90.000
_cell.angle_beta   90.000
_cell.angle_gamma   120.000
#
_symmetry.space_group_name_H-M   'P 65 2 2'
#
loop_
_entity.id
_entity.type
_entity.pdbx_description
1 polymer 'Maternal protein pumilio'
2 polymer 'Protein nanos'
3 polymer "RNA (5'-R(*AP*AP*AP*UP*UP*GP*UP*AP*CP*AP*UP*A)-3')"
4 non-polymer 'ZINC ION'
#
loop_
_entity_poly.entity_id
_entity_poly.type
_entity_poly.pdbx_seq_one_letter_code
_entity_poly.pdbx_strand_id
1 'polypeptide(L)'
;SGRSRLLEDFRNQRYPNLQLRDLANHIVEFSQDQHGSRFIQQKLERATAAEKQMVFSEILAAAYSLMTDVFGNYVIQKFF
EFGTPEQKNTLGMQVKGHVLQLALQMYGCRVIQKALESISPEQQQEIVHELDGHVLKCVKDQNGNHVVQKCIECVDPVAL
QFIINAFKGQVYSLSTHPYGCRVIQRILEHCTAEQTTPILDELHEHTEQLIQDQYGNYVIQHVLEHGKQEDKSILINSVR
GKVLVLSQHKFASNVVEKCVTHATRGERTGLIDEVCTFNDNALHVMMKDQYANYVVQKMIDVSEPTQLKKLMTKIRPHMA
ALRKYTYGKHINAKLEK
;
A
2 'polypeptide(L)'
;SRGASNSSNNNNNNNKVYKRYNSKAKEISRHCVFCENNNEPEAVINSHSVRDNFNRVLCPKLRTYVCPICGASGDSAHTI
KYCPKKPIITMEDAIKAESFRLAKSSYYKQQMKV
;
B
3 'polyribonucleotide' AAAUUGUACAUAAGCC C
#
loop_
_chem_comp.id
_chem_comp.type
_chem_comp.name
_chem_comp.formula
A RNA linking ADENOSINE-5'-MONOPHOSPHATE 'C10 H14 N5 O7 P'
C RNA linking CYTIDINE-5'-MONOPHOSPHATE 'C9 H14 N3 O8 P'
G RNA linking GUANOSINE-5'-MONOPHOSPHATE 'C10 H14 N5 O8 P'
U RNA linking URIDINE-5'-MONOPHOSPHATE 'C9 H13 N2 O9 P'
ZN non-polymer 'ZINC ION' 'Zn 2'
#
# COMPACT_ATOMS: atom_id res chain seq x y z
N ARG A 3 -2.62 -33.26 25.11
CA ARG A 3 -1.20 -33.45 24.81
C ARG A 3 -0.72 -34.82 25.27
N SER A 4 0.43 -35.26 24.75
CA SER A 4 1.03 -36.51 25.19
C SER A 4 1.90 -36.28 26.42
N ARG A 5 3.02 -37.01 26.52
CA ARG A 5 3.93 -36.89 27.65
C ARG A 5 5.04 -35.87 27.40
N LEU A 6 5.67 -35.93 26.23
CA LEU A 6 6.83 -35.08 25.96
C LEU A 6 6.44 -33.62 25.80
N LEU A 7 5.27 -33.32 25.22
CA LEU A 7 4.87 -31.92 25.07
C LEU A 7 4.49 -31.30 26.41
N GLU A 8 3.89 -32.08 27.31
CA GLU A 8 3.69 -31.62 28.67
C GLU A 8 5.01 -31.53 29.45
N ASP A 9 6.04 -32.24 29.00
CA ASP A 9 7.35 -32.12 29.62
C ASP A 9 8.13 -30.90 29.15
N PHE A 10 7.93 -30.47 27.89
CA PHE A 10 8.69 -29.35 27.34
C PHE A 10 7.95 -28.02 27.38
N ARG A 11 6.62 -28.02 27.34
CA ARG A 11 5.89 -26.77 27.53
C ARG A 11 6.15 -26.19 28.92
N ASN A 12 6.51 -27.04 29.88
CA ASN A 12 7.07 -26.61 31.16
C ASN A 12 8.59 -26.47 31.11
N GLN A 13 9.22 -26.82 29.99
CA GLN A 13 10.66 -26.73 29.79
C GLN A 13 11.43 -27.57 30.80
N ARG A 14 11.60 -28.86 30.49
CA ARG A 14 12.37 -29.78 31.34
C ARG A 14 13.50 -30.46 30.58
N TYR A 15 14.00 -29.84 29.51
CA TYR A 15 15.02 -30.45 28.66
C TYR A 15 15.94 -29.36 28.12
N PRO A 16 16.78 -28.77 28.98
CA PRO A 16 17.62 -27.63 28.56
C PRO A 16 18.72 -27.98 27.56
N ASN A 17 19.03 -29.26 27.36
CA ASN A 17 20.05 -29.71 26.42
C ASN A 17 19.46 -30.52 25.26
N LEU A 18 18.18 -30.28 24.95
CA LEU A 18 17.51 -30.98 23.87
C LEU A 18 18.23 -30.83 22.52
N GLN A 19 18.18 -31.89 21.74
CA GLN A 19 18.71 -31.99 20.38
C GLN A 19 17.61 -32.48 19.46
N LEU A 20 17.81 -32.28 18.15
CA LEU A 20 16.79 -32.68 17.19
C LEU A 20 16.39 -34.15 17.37
N ARG A 21 17.38 -35.03 17.57
CA ARG A 21 17.09 -36.46 17.70
C ARG A 21 16.18 -36.77 18.88
N ASP A 22 16.20 -35.92 19.90
CA ASP A 22 15.36 -36.08 21.08
C ASP A 22 13.89 -35.80 20.79
N LEU A 23 13.56 -35.22 19.65
CA LEU A 23 12.20 -34.86 19.32
C LEU A 23 11.45 -35.98 18.61
N ALA A 24 12.07 -37.15 18.50
CA ALA A 24 11.48 -38.30 17.82
C ALA A 24 10.03 -38.52 18.26
N ASN A 25 9.18 -38.87 17.29
CA ASN A 25 7.80 -39.29 17.50
C ASN A 25 6.94 -38.24 18.21
N HIS A 26 7.33 -36.96 18.13
CA HIS A 26 6.52 -35.91 18.73
C HIS A 26 6.63 -34.58 17.99
N ILE A 27 7.18 -34.56 16.76
CA ILE A 27 7.34 -33.30 16.04
C ILE A 27 6.01 -32.81 15.48
N VAL A 28 5.12 -33.73 15.08
CA VAL A 28 3.78 -33.34 14.65
C VAL A 28 3.06 -32.57 15.75
N GLU A 29 3.32 -32.92 17.02
CA GLU A 29 2.75 -32.19 18.14
C GLU A 29 3.62 -31.01 18.57
N PHE A 30 4.94 -31.07 18.32
CA PHE A 30 5.80 -29.94 18.62
C PHE A 30 5.56 -28.78 17.66
N SER A 31 5.42 -29.09 16.37
CA SER A 31 5.14 -28.07 15.37
C SER A 31 3.76 -27.43 15.53
N GLN A 32 2.87 -28.03 16.32
CA GLN A 32 1.57 -27.44 16.61
C GLN A 32 1.58 -26.66 17.92
N ASP A 33 2.70 -26.62 18.63
CA ASP A 33 2.88 -25.79 19.81
C ASP A 33 3.89 -24.69 19.51
N GLN A 34 3.68 -23.52 20.13
CA GLN A 34 4.49 -22.36 19.82
C GLN A 34 5.96 -22.60 20.16
N HIS A 35 6.25 -22.87 21.43
CA HIS A 35 7.63 -23.11 21.85
C HIS A 35 8.27 -24.23 21.06
N GLY A 36 7.50 -25.26 20.69
CA GLY A 36 8.07 -26.36 19.93
C GLY A 36 8.41 -25.98 18.49
N SER A 37 7.56 -25.16 17.87
CA SER A 37 7.84 -24.74 16.51
C SER A 37 9.03 -23.78 16.48
N ARG A 38 9.15 -22.95 17.51
CA ARG A 38 10.33 -22.09 17.63
C ARG A 38 11.59 -22.92 17.84
N PHE A 39 11.52 -23.95 18.68
CA PHE A 39 12.70 -24.77 18.94
C PHE A 39 13.14 -25.51 17.69
N ILE A 40 12.21 -26.24 17.06
CA ILE A 40 12.54 -26.93 15.82
C ILE A 40 13.05 -25.94 14.78
N GLN A 41 12.51 -24.72 14.80
CA GLN A 41 12.86 -23.72 13.79
C GLN A 41 14.28 -23.20 13.99
N GLN A 42 14.70 -23.00 15.24
CA GLN A 42 15.97 -22.35 15.53
C GLN A 42 17.14 -23.33 15.60
N LYS A 43 16.88 -24.62 15.81
CA LYS A 43 17.93 -25.63 15.90
C LYS A 43 17.94 -26.52 14.67
N LEU A 44 17.78 -25.93 13.49
CA LEU A 44 17.84 -26.65 12.22
C LEU A 44 18.86 -26.02 11.29
N GLU A 45 20.02 -25.65 11.84
CA GLU A 45 21.09 -25.07 11.06
C GLU A 45 22.46 -25.68 11.35
N ARG A 46 22.59 -26.46 12.44
CA ARG A 46 23.83 -27.08 12.84
C ARG A 46 23.74 -28.60 12.64
N ALA A 47 24.68 -29.33 13.24
CA ALA A 47 24.74 -30.78 13.16
C ALA A 47 24.83 -31.24 11.71
N THR A 48 24.50 -32.50 11.46
CA THR A 48 24.50 -33.04 10.11
C THR A 48 23.07 -33.09 9.58
N ALA A 49 22.93 -33.56 8.34
CA ALA A 49 21.62 -33.65 7.72
C ALA A 49 20.84 -34.89 8.14
N ALA A 50 21.45 -35.81 8.87
CA ALA A 50 20.74 -37.01 9.29
C ALA A 50 19.53 -36.66 10.16
N GLU A 51 19.74 -35.82 11.17
CA GLU A 51 18.63 -35.38 12.00
C GLU A 51 17.64 -34.54 11.19
N LYS A 52 18.15 -33.70 10.28
CA LYS A 52 17.28 -32.96 9.40
C LYS A 52 16.48 -33.88 8.50
N GLN A 53 17.07 -35.01 8.09
CA GLN A 53 16.31 -36.01 7.34
C GLN A 53 15.23 -36.63 8.20
N MET A 54 15.53 -36.87 9.48
CA MET A 54 14.51 -37.37 10.40
C MET A 54 13.33 -36.40 10.50
N VAL A 55 13.62 -35.12 10.76
CA VAL A 55 12.55 -34.13 10.87
C VAL A 55 11.77 -34.03 9.57
N PHE A 56 12.46 -34.17 8.43
CA PHE A 56 11.77 -34.19 7.15
C PHE A 56 10.82 -35.37 7.04
N SER A 57 11.23 -36.54 7.55
CA SER A 57 10.41 -37.74 7.40
C SER A 57 9.21 -37.71 8.34
N GLU A 58 9.40 -37.21 9.56
CA GLU A 58 8.30 -37.19 10.53
C GLU A 58 7.24 -36.16 10.19
N ILE A 59 7.50 -35.25 9.26
CA ILE A 59 6.52 -34.24 8.88
C ILE A 59 6.03 -34.38 7.45
N LEU A 60 6.74 -35.13 6.59
CA LEU A 60 6.24 -35.36 5.24
C LEU A 60 4.93 -36.13 5.23
N ALA A 61 4.52 -36.68 6.38
CA ALA A 61 3.23 -37.35 6.50
C ALA A 61 2.10 -36.40 6.91
N ALA A 62 2.42 -35.23 7.44
CA ALA A 62 1.43 -34.25 7.88
C ALA A 62 1.72 -32.88 7.29
N ALA A 63 2.20 -32.85 6.04
CA ALA A 63 2.54 -31.59 5.41
C ALA A 63 1.29 -30.78 5.07
N TYR A 64 0.26 -31.45 4.54
CA TYR A 64 -0.96 -30.75 4.14
C TYR A 64 -1.65 -30.07 5.31
N SER A 65 -1.36 -30.48 6.54
CA SER A 65 -1.90 -29.83 7.73
C SER A 65 -0.92 -28.86 8.38
N LEU A 66 0.38 -29.17 8.37
CA LEU A 66 1.38 -28.25 8.92
C LEU A 66 1.49 -26.98 8.10
N MET A 67 1.23 -27.06 6.79
CA MET A 67 1.20 -25.86 5.97
C MET A 67 -0.04 -25.02 6.26
N THR A 68 -1.18 -25.67 6.52
CA THR A 68 -2.38 -24.93 6.93
C THR A 68 -2.42 -24.81 8.45
N ASP A 69 -1.24 -24.70 9.05
CA ASP A 69 -1.09 -24.60 10.49
C ASP A 69 -0.46 -23.26 10.83
N VAL A 70 -0.94 -22.65 11.91
CA VAL A 70 -0.45 -21.32 12.29
C VAL A 70 1.01 -21.37 12.70
N PHE A 71 1.47 -22.49 13.25
CA PHE A 71 2.87 -22.63 13.66
C PHE A 71 3.68 -23.53 12.75
N GLY A 72 3.08 -24.55 12.15
CA GLY A 72 3.79 -25.42 11.22
C GLY A 72 4.26 -24.72 9.97
N ASN A 73 3.63 -23.59 9.61
CA ASN A 73 3.99 -22.93 8.36
C ASN A 73 5.39 -22.35 8.42
N TYR A 74 5.82 -21.89 9.61
CA TYR A 74 7.21 -21.49 9.78
C TYR A 74 8.14 -22.69 9.59
N VAL A 75 7.70 -23.88 10.00
CA VAL A 75 8.50 -25.09 9.80
C VAL A 75 8.66 -25.33 8.30
N ILE A 76 7.54 -25.46 7.59
CA ILE A 76 7.60 -25.73 6.15
C ILE A 76 8.45 -24.66 5.45
N GLN A 77 8.28 -23.39 5.84
CA GLN A 77 9.09 -22.32 5.28
C GLN A 77 10.58 -22.59 5.47
N LYS A 78 10.99 -22.80 6.71
CA LYS A 78 12.41 -23.00 6.99
C LYS A 78 12.97 -24.18 6.21
N PHE A 79 12.16 -25.22 6.00
CA PHE A 79 12.61 -26.34 5.19
C PHE A 79 12.79 -25.93 3.73
N PHE A 80 11.80 -25.24 3.16
CA PHE A 80 11.92 -24.77 1.79
C PHE A 80 13.11 -23.82 1.61
N GLU A 81 13.59 -23.22 2.70
CA GLU A 81 14.68 -22.27 2.62
C GLU A 81 16.05 -22.93 2.78
N PHE A 82 16.16 -23.93 3.67
CA PHE A 82 17.46 -24.47 4.06
C PHE A 82 17.73 -25.88 3.54
N GLY A 83 16.77 -26.53 2.88
CA GLY A 83 16.91 -27.93 2.54
C GLY A 83 17.73 -28.17 1.28
N THR A 84 18.26 -29.40 1.20
CA THR A 84 18.89 -29.85 -0.03
C THR A 84 17.85 -29.96 -1.15
N PRO A 85 18.25 -29.69 -2.39
CA PRO A 85 17.27 -29.66 -3.50
C PRO A 85 16.40 -30.91 -3.61
N GLU A 86 16.92 -32.08 -3.23
CA GLU A 86 16.09 -33.29 -3.21
C GLU A 86 14.86 -33.09 -2.32
N GLN A 87 15.05 -32.50 -1.15
CA GLN A 87 13.91 -32.20 -0.28
C GLN A 87 13.02 -31.14 -0.88
N LYS A 88 13.60 -30.13 -1.55
CA LYS A 88 12.80 -29.12 -2.23
C LYS A 88 11.82 -29.78 -3.19
N ASN A 89 12.32 -30.70 -4.02
CA ASN A 89 11.44 -31.40 -4.95
C ASN A 89 10.46 -32.31 -4.23
N THR A 90 10.93 -33.05 -3.23
CA THR A 90 10.06 -34.00 -2.53
C THR A 90 8.88 -33.30 -1.86
N LEU A 91 9.12 -32.12 -1.27
CA LEU A 91 8.02 -31.31 -0.82
C LEU A 91 7.20 -30.80 -2.00
N GLY A 92 7.86 -30.18 -2.97
CA GLY A 92 7.16 -29.60 -4.11
C GLY A 92 6.15 -30.53 -4.78
N MET A 93 6.47 -31.83 -4.80
CA MET A 93 5.59 -32.83 -5.41
C MET A 93 4.18 -32.91 -4.80
N GLN A 94 4.05 -33.40 -3.56
CA GLN A 94 2.74 -33.62 -2.98
C GLN A 94 1.92 -32.34 -2.79
N VAL A 95 2.51 -31.16 -3.06
CA VAL A 95 1.73 -29.95 -2.90
C VAL A 95 0.73 -29.77 -4.04
N LYS A 96 1.10 -30.20 -5.25
CA LYS A 96 0.23 -30.04 -6.41
C LYS A 96 -1.02 -30.92 -6.30
N GLY A 97 -2.16 -30.37 -6.73
CA GLY A 97 -3.46 -30.98 -6.56
C GLY A 97 -4.36 -30.23 -5.60
N HIS A 98 -3.81 -29.23 -4.88
CA HIS A 98 -4.59 -28.49 -3.90
C HIS A 98 -4.14 -27.03 -3.82
N VAL A 99 -3.39 -26.54 -4.82
CA VAL A 99 -2.78 -25.21 -4.73
C VAL A 99 -3.83 -24.10 -4.71
N LEU A 100 -5.01 -24.36 -5.28
CA LEU A 100 -6.13 -23.45 -5.14
C LEU A 100 -6.47 -23.22 -3.67
N GLN A 101 -6.80 -24.31 -2.97
CA GLN A 101 -7.14 -24.23 -1.55
C GLN A 101 -5.96 -23.73 -0.73
N LEU A 102 -4.76 -24.26 -0.99
CA LEU A 102 -3.59 -23.88 -0.21
C LEU A 102 -3.19 -22.43 -0.41
N ALA A 103 -3.55 -21.83 -1.53
CA ALA A 103 -3.35 -20.41 -1.76
C ALA A 103 -4.46 -19.56 -1.16
N LEU A 104 -5.68 -20.11 -1.07
CA LEU A 104 -6.75 -19.36 -0.41
C LEU A 104 -6.55 -19.28 1.10
N GLN A 105 -5.86 -20.25 1.70
CA GLN A 105 -5.66 -20.28 3.13
C GLN A 105 -4.40 -19.50 3.52
N MET A 106 -4.48 -18.81 4.65
CA MET A 106 -3.46 -17.88 5.12
C MET A 106 -2.06 -18.48 5.15
N TYR A 107 -1.85 -19.43 6.06
CA TYR A 107 -0.50 -19.93 6.31
C TYR A 107 0.04 -20.69 5.10
N GLY A 108 -0.82 -21.47 4.45
CA GLY A 108 -0.41 -22.15 3.23
C GLY A 108 0.09 -21.19 2.16
N CYS A 109 -0.50 -20.00 2.09
CA CYS A 109 -0.09 -19.06 1.05
C CYS A 109 1.16 -18.30 1.48
N ARG A 110 1.34 -18.07 2.79
CA ARG A 110 2.64 -17.62 3.29
C ARG A 110 3.74 -18.57 2.84
N VAL A 111 3.53 -19.87 3.02
CA VAL A 111 4.54 -20.85 2.63
C VAL A 111 4.73 -20.84 1.12
N ILE A 112 3.63 -20.79 0.36
CA ILE A 112 3.72 -20.75 -1.10
C ILE A 112 4.63 -19.60 -1.53
N GLN A 113 4.39 -18.41 -0.98
CA GLN A 113 5.29 -17.29 -1.25
C GLN A 113 6.72 -17.64 -0.89
N LYS A 114 6.93 -18.24 0.28
CA LYS A 114 8.28 -18.53 0.75
C LYS A 114 9.01 -19.48 -0.19
N ALA A 115 8.27 -20.32 -0.92
CA ALA A 115 8.91 -21.30 -1.79
C ALA A 115 9.37 -20.69 -3.11
N LEU A 116 8.62 -19.72 -3.64
CA LEU A 116 8.86 -19.26 -5.00
C LEU A 116 10.19 -18.52 -5.16
N GLU A 117 10.92 -18.28 -4.08
CA GLU A 117 12.19 -17.58 -4.15
C GLU A 117 13.39 -18.51 -4.04
N SER A 118 13.16 -19.82 -3.90
CA SER A 118 14.27 -20.75 -3.74
C SER A 118 14.15 -22.03 -4.57
N ILE A 119 12.99 -22.34 -5.14
CA ILE A 119 12.84 -23.58 -5.89
C ILE A 119 13.35 -23.39 -7.32
N SER A 120 13.28 -24.46 -8.11
CA SER A 120 13.77 -24.44 -9.47
C SER A 120 12.76 -23.76 -10.40
N PRO A 121 13.23 -23.16 -11.49
CA PRO A 121 12.31 -22.51 -12.44
C PRO A 121 11.30 -23.46 -13.07
N GLU A 122 11.69 -24.72 -13.31
CA GLU A 122 10.79 -25.65 -13.98
C GLU A 122 9.59 -25.98 -13.09
N GLN A 123 9.85 -26.45 -11.87
CA GLN A 123 8.77 -26.69 -10.92
C GLN A 123 7.95 -25.42 -10.71
N GLN A 124 8.63 -24.27 -10.65
CA GLN A 124 7.95 -22.98 -10.59
C GLN A 124 6.90 -22.85 -11.68
N GLN A 125 7.29 -23.14 -12.94
CA GLN A 125 6.35 -23.03 -14.03
C GLN A 125 5.27 -24.09 -13.96
N GLU A 126 5.56 -25.24 -13.36
CA GLU A 126 4.51 -26.21 -13.07
C GLU A 126 3.43 -25.57 -12.20
N ILE A 127 3.84 -24.90 -11.12
CA ILE A 127 2.88 -24.18 -10.28
C ILE A 127 2.18 -23.08 -11.07
N VAL A 128 2.87 -22.50 -12.04
CA VAL A 128 2.25 -21.44 -12.86
C VAL A 128 1.09 -22.00 -13.66
N HIS A 129 1.35 -23.05 -14.46
CA HIS A 129 0.30 -23.69 -15.24
C HIS A 129 -0.79 -24.27 -14.35
N GLU A 130 -0.49 -24.51 -13.07
CA GLU A 130 -1.52 -24.99 -12.14
C GLU A 130 -2.70 -24.01 -12.08
N LEU A 131 -2.43 -22.73 -11.87
CA LEU A 131 -3.47 -21.76 -11.52
C LEU A 131 -3.87 -20.90 -12.71
N ASP A 132 -4.34 -21.53 -13.78
CA ASP A 132 -4.85 -20.79 -14.92
C ASP A 132 -6.34 -20.46 -14.73
N GLY A 133 -6.78 -19.38 -15.36
CA GLY A 133 -8.20 -18.98 -15.37
C GLY A 133 -8.88 -18.39 -14.15
N HIS A 134 -8.60 -18.92 -12.96
CA HIS A 134 -9.22 -18.46 -11.72
C HIS A 134 -8.79 -17.05 -11.33
N VAL A 135 -8.04 -16.38 -12.21
CA VAL A 135 -7.46 -15.06 -11.99
C VAL A 135 -8.41 -14.15 -11.22
N LEU A 136 -9.68 -14.17 -11.62
CA LEU A 136 -10.75 -13.43 -10.95
C LEU A 136 -10.73 -13.63 -9.44
N LYS A 137 -11.14 -14.82 -8.99
CA LYS A 137 -11.28 -15.10 -7.57
C LYS A 137 -9.97 -15.01 -6.80
N CYS A 138 -8.83 -15.02 -7.48
CA CYS A 138 -7.53 -15.03 -6.83
C CYS A 138 -6.96 -13.64 -6.58
N VAL A 139 -7.03 -12.76 -7.58
CA VAL A 139 -6.57 -11.39 -7.37
C VAL A 139 -7.47 -10.67 -6.37
N LYS A 140 -8.77 -10.98 -6.41
CA LYS A 140 -9.73 -10.38 -5.48
C LYS A 140 -9.79 -11.18 -4.19
N ASP A 141 -8.64 -11.37 -3.53
CA ASP A 141 -8.62 -12.07 -2.25
C ASP A 141 -7.51 -11.49 -1.39
N GLN A 142 -7.71 -11.54 -0.08
CA GLN A 142 -6.73 -10.97 0.84
C GLN A 142 -5.42 -11.72 0.83
N ASN A 143 -5.44 -12.99 0.42
CA ASN A 143 -4.25 -13.84 0.41
C ASN A 143 -3.73 -14.15 -0.98
N GLY A 144 -4.62 -14.35 -1.95
CA GLY A 144 -4.18 -14.64 -3.30
C GLY A 144 -3.38 -13.52 -3.93
N ASN A 145 -3.67 -12.27 -3.55
CA ASN A 145 -3.01 -11.14 -4.19
C ASN A 145 -1.55 -11.04 -3.75
N HIS A 146 -1.26 -11.37 -2.48
CA HIS A 146 0.13 -11.38 -2.02
C HIS A 146 0.95 -12.43 -2.75
N VAL A 147 0.39 -13.63 -2.89
CA VAL A 147 1.04 -14.68 -3.68
C VAL A 147 1.30 -14.17 -5.09
N VAL A 148 0.25 -13.68 -5.76
CA VAL A 148 0.33 -13.15 -7.11
C VAL A 148 1.48 -12.16 -7.22
N GLN A 149 1.61 -11.27 -6.22
CA GLN A 149 2.70 -10.30 -6.24
C GLN A 149 4.06 -10.99 -6.18
N LYS A 150 4.23 -11.94 -5.26
CA LYS A 150 5.50 -12.65 -5.18
C LYS A 150 5.85 -13.34 -6.50
N CYS A 151 4.83 -13.85 -7.20
CA CYS A 151 5.05 -14.43 -8.52
C CYS A 151 5.49 -13.37 -9.53
N ILE A 152 4.82 -12.22 -9.55
CA ILE A 152 5.22 -11.12 -10.41
C ILE A 152 6.66 -10.69 -10.12
N GLU A 153 7.16 -10.95 -8.91
CA GLU A 153 8.54 -10.60 -8.57
C GLU A 153 9.53 -11.69 -8.94
N CYS A 154 9.12 -12.97 -8.95
CA CYS A 154 10.08 -14.06 -9.01
C CYS A 154 10.07 -14.89 -10.29
N VAL A 155 8.99 -14.86 -11.08
CA VAL A 155 8.86 -15.73 -12.24
C VAL A 155 9.24 -14.95 -13.50
N ASP A 156 9.37 -15.69 -14.62
CA ASP A 156 9.60 -15.10 -15.94
C ASP A 156 8.32 -14.44 -16.45
N PRO A 157 8.36 -13.17 -16.84
CA PRO A 157 7.13 -12.51 -17.32
C PRO A 157 6.40 -13.28 -18.42
N VAL A 158 7.15 -13.84 -19.38
CA VAL A 158 6.51 -14.42 -20.56
C VAL A 158 5.64 -15.62 -20.18
N ALA A 159 6.04 -16.39 -19.16
CA ALA A 159 5.22 -17.50 -18.70
C ALA A 159 3.91 -17.03 -18.08
N LEU A 160 3.93 -15.88 -17.41
CA LEU A 160 2.77 -15.34 -16.74
C LEU A 160 1.84 -14.58 -17.68
N GLN A 161 2.19 -14.49 -18.96
CA GLN A 161 1.50 -13.57 -19.87
C GLN A 161 0.00 -13.84 -19.96
N PHE A 162 -0.44 -15.05 -19.59
CA PHE A 162 -1.87 -15.36 -19.65
C PHE A 162 -2.68 -14.44 -18.74
N ILE A 163 -2.10 -14.00 -17.62
CA ILE A 163 -2.78 -13.04 -16.76
C ILE A 163 -2.99 -11.73 -17.49
N ILE A 164 -2.01 -11.31 -18.28
CA ILE A 164 -2.15 -10.14 -19.13
C ILE A 164 -3.38 -10.25 -20.03
N ASN A 165 -3.82 -11.48 -20.33
CA ASN A 165 -5.02 -11.68 -21.13
C ASN A 165 -6.28 -11.85 -20.29
N ALA A 166 -6.15 -12.18 -19.01
CA ALA A 166 -7.28 -12.25 -18.11
C ALA A 166 -7.64 -10.90 -17.50
N PHE A 167 -6.91 -9.84 -17.85
CA PHE A 167 -7.16 -8.52 -17.31
C PHE A 167 -7.95 -7.60 -18.24
N LYS A 168 -7.86 -7.81 -19.55
CA LYS A 168 -8.58 -6.96 -20.48
C LYS A 168 -10.08 -7.05 -20.23
N GLY A 169 -10.74 -5.89 -20.16
CA GLY A 169 -12.12 -5.83 -19.74
C GLY A 169 -12.31 -5.74 -18.23
N GLN A 170 -11.21 -5.76 -17.47
CA GLN A 170 -11.24 -5.79 -16.02
C GLN A 170 -10.21 -4.87 -15.39
N VAL A 171 -9.33 -4.23 -16.18
CA VAL A 171 -8.26 -3.40 -15.63
C VAL A 171 -8.85 -2.26 -14.80
N TYR A 172 -10.04 -1.79 -15.16
CA TYR A 172 -10.66 -0.71 -14.40
C TYR A 172 -11.17 -1.22 -13.06
N SER A 173 -12.06 -2.22 -13.07
CA SER A 173 -12.69 -2.71 -11.86
C SER A 173 -11.68 -3.36 -10.92
N LEU A 174 -10.43 -3.46 -11.33
CA LEU A 174 -9.36 -4.00 -10.51
C LEU A 174 -8.32 -2.96 -10.10
N SER A 175 -8.03 -1.97 -10.96
CA SER A 175 -7.22 -0.84 -10.53
C SER A 175 -7.95 -0.02 -9.46
N THR A 176 -9.26 -0.15 -9.37
CA THR A 176 -10.05 0.46 -8.31
C THR A 176 -10.30 -0.48 -7.14
N HIS A 177 -9.85 -1.77 -7.24
CA HIS A 177 -10.00 -2.78 -6.20
C HIS A 177 -8.92 -2.63 -5.13
N PRO A 178 -9.28 -2.79 -3.86
CA PRO A 178 -8.30 -2.54 -2.79
C PRO A 178 -7.07 -3.44 -2.86
N TYR A 179 -7.23 -4.67 -3.33
CA TYR A 179 -6.10 -5.58 -3.48
C TYR A 179 -5.57 -5.63 -4.91
N GLY A 180 -6.44 -5.44 -5.89
CA GLY A 180 -5.99 -5.51 -7.28
C GLY A 180 -5.00 -4.43 -7.65
N CYS A 181 -5.15 -3.23 -7.07
CA CYS A 181 -4.28 -2.12 -7.45
C CYS A 181 -2.81 -2.44 -7.18
N ARG A 182 -2.53 -3.12 -6.06
CA ARG A 182 -1.16 -3.55 -5.80
C ARG A 182 -0.68 -4.49 -6.89
N VAL A 183 -1.55 -5.44 -7.31
CA VAL A 183 -1.21 -6.36 -8.37
C VAL A 183 -0.89 -5.62 -9.66
N ILE A 184 -1.62 -4.54 -9.94
CA ILE A 184 -1.40 -3.77 -11.15
C ILE A 184 -0.07 -3.01 -11.07
N GLN A 185 0.24 -2.45 -9.90
CA GLN A 185 1.53 -1.78 -9.73
C GLN A 185 2.68 -2.77 -9.92
N ARG A 186 2.55 -3.97 -9.36
CA ARG A 186 3.56 -5.01 -9.57
C ARG A 186 3.65 -5.38 -11.05
N ILE A 187 2.51 -5.45 -11.73
CA ILE A 187 2.51 -5.71 -13.17
C ILE A 187 3.35 -4.67 -13.90
N LEU A 188 3.06 -3.39 -13.66
CA LEU A 188 3.75 -2.34 -14.41
C LEU A 188 5.23 -2.25 -14.04
N GLU A 189 5.61 -2.63 -12.82
CA GLU A 189 7.01 -2.56 -12.44
C GLU A 189 7.80 -3.83 -12.77
N HIS A 190 7.13 -4.90 -13.23
CA HIS A 190 7.79 -6.19 -13.51
C HIS A 190 7.09 -6.85 -14.71
N CYS A 191 7.42 -6.38 -15.91
CA CYS A 191 6.88 -6.96 -17.14
C CYS A 191 7.73 -6.47 -18.31
N THR A 192 7.31 -6.84 -19.52
CA THR A 192 7.92 -6.41 -20.76
C THR A 192 7.07 -5.33 -21.41
N ALA A 193 7.53 -4.85 -22.57
CA ALA A 193 6.76 -3.84 -23.29
C ALA A 193 5.43 -4.41 -23.77
N GLU A 194 5.44 -5.64 -24.27
CA GLU A 194 4.26 -6.24 -24.88
C GLU A 194 3.22 -6.70 -23.86
N GLN A 195 3.55 -6.69 -22.57
CA GLN A 195 2.59 -6.99 -21.53
C GLN A 195 2.04 -5.74 -20.86
N THR A 196 2.90 -4.74 -20.62
CA THR A 196 2.43 -3.47 -20.09
C THR A 196 1.59 -2.71 -21.12
N THR A 197 1.91 -2.86 -22.42
CA THR A 197 1.25 -2.07 -23.45
C THR A 197 -0.28 -2.19 -23.43
N PRO A 198 -0.88 -3.38 -23.53
CA PRO A 198 -2.35 -3.43 -23.53
C PRO A 198 -2.97 -2.96 -22.22
N ILE A 199 -2.34 -3.30 -21.09
CA ILE A 199 -2.84 -2.86 -19.80
C ILE A 199 -2.69 -1.36 -19.64
N LEU A 200 -1.60 -0.79 -20.19
CA LEU A 200 -1.40 0.65 -20.10
C LEU A 200 -2.42 1.41 -20.95
N ASP A 201 -2.77 0.86 -22.12
CA ASP A 201 -3.87 1.43 -22.89
C ASP A 201 -5.18 1.36 -22.12
N GLU A 202 -5.48 0.19 -21.55
CA GLU A 202 -6.66 0.03 -20.70
C GLU A 202 -6.71 1.08 -19.60
N LEU A 203 -5.55 1.40 -19.02
CA LEU A 203 -5.51 2.43 -17.97
C LEU A 203 -5.77 3.82 -18.54
N HIS A 204 -5.10 4.15 -19.64
CA HIS A 204 -5.30 5.45 -20.27
C HIS A 204 -6.74 5.66 -20.74
N GLU A 205 -7.53 4.59 -20.86
CA GLU A 205 -8.96 4.72 -21.09
C GLU A 205 -9.65 5.43 -19.92
N HIS A 206 -9.73 4.76 -18.78
CA HIS A 206 -10.47 5.26 -17.61
C HIS A 206 -9.62 6.17 -16.72
N THR A 207 -8.85 7.10 -17.28
CA THR A 207 -7.99 7.94 -16.46
C THR A 207 -8.79 8.87 -15.56
N GLU A 208 -9.87 9.46 -16.09
CA GLU A 208 -10.68 10.42 -15.35
C GLU A 208 -11.14 9.89 -14.01
N GLN A 209 -12.02 8.89 -14.03
CA GLN A 209 -12.59 8.37 -12.79
C GLN A 209 -11.54 7.70 -11.91
N LEU A 210 -10.37 7.39 -12.46
CA LEU A 210 -9.36 6.65 -11.72
C LEU A 210 -8.65 7.53 -10.68
N ILE A 211 -8.43 8.80 -11.01
CA ILE A 211 -7.66 9.66 -10.12
C ILE A 211 -8.46 10.01 -8.88
N GLN A 212 -9.79 10.14 -9.01
CA GLN A 212 -10.66 10.44 -7.89
C GLN A 212 -11.10 9.19 -7.13
N ASP A 213 -10.41 8.08 -7.34
CA ASP A 213 -10.66 6.84 -6.61
C ASP A 213 -9.52 6.61 -5.62
N GLN A 214 -9.86 6.11 -4.43
CA GLN A 214 -8.87 5.99 -3.36
C GLN A 214 -7.84 4.91 -3.61
N TYR A 215 -7.93 4.19 -4.71
CA TYR A 215 -6.91 3.20 -5.03
C TYR A 215 -6.31 3.38 -6.41
N GLY A 216 -7.12 3.79 -7.40
CA GLY A 216 -6.57 4.06 -8.71
C GLY A 216 -5.54 5.17 -8.68
N ASN A 217 -5.63 6.09 -7.71
CA ASN A 217 -4.68 7.19 -7.64
C ASN A 217 -3.29 6.70 -7.25
N TYR A 218 -3.21 5.55 -6.58
CA TYR A 218 -1.92 4.92 -6.36
C TYR A 218 -1.37 4.34 -7.65
N VAL A 219 -2.26 3.86 -8.53
CA VAL A 219 -1.81 3.38 -9.83
C VAL A 219 -1.24 4.54 -10.64
N ILE A 220 -1.98 5.65 -10.70
CA ILE A 220 -1.49 6.84 -11.41
C ILE A 220 -0.17 7.31 -10.81
N GLN A 221 -0.14 7.49 -9.49
CA GLN A 221 1.09 7.89 -8.81
C GLN A 221 2.25 6.95 -9.12
N HIS A 222 1.96 5.66 -9.29
CA HIS A 222 3.00 4.71 -9.60
C HIS A 222 3.49 4.84 -11.03
N VAL A 223 2.61 5.19 -11.97
CA VAL A 223 3.05 5.41 -13.34
C VAL A 223 3.83 6.72 -13.47
N LEU A 224 3.55 7.69 -12.60
CA LEU A 224 4.16 9.02 -12.76
C LEU A 224 5.61 9.05 -12.32
N GLU A 225 5.99 8.20 -11.36
CA GLU A 225 7.35 8.21 -10.84
C GLU A 225 8.15 6.96 -11.23
N HIS A 226 7.59 6.10 -12.10
CA HIS A 226 8.28 4.89 -12.53
C HIS A 226 8.16 4.59 -14.03
N GLY A 227 7.09 5.00 -14.71
CA GLY A 227 6.91 4.69 -16.11
C GLY A 227 7.83 5.49 -17.02
N LYS A 228 7.64 5.30 -18.32
CA LYS A 228 8.40 6.04 -19.30
C LYS A 228 7.90 7.47 -19.40
N GLN A 229 8.80 8.38 -19.78
CA GLN A 229 8.45 9.79 -19.92
C GLN A 229 7.21 10.00 -20.78
N GLU A 230 7.00 9.15 -21.79
CA GLU A 230 5.84 9.32 -22.67
C GLU A 230 4.53 9.18 -21.89
N ASP A 231 4.38 8.07 -21.16
CA ASP A 231 3.18 7.88 -20.36
C ASP A 231 2.98 9.03 -19.38
N LYS A 232 4.08 9.49 -18.78
CA LYS A 232 4.03 10.64 -17.87
C LYS A 232 3.41 11.85 -18.55
N SER A 233 3.85 12.16 -19.77
CA SER A 233 3.26 13.29 -20.49
C SER A 233 1.80 13.04 -20.82
N ILE A 234 1.48 11.82 -21.26
CA ILE A 234 0.11 11.46 -21.62
C ILE A 234 -0.84 11.73 -20.46
N LEU A 235 -0.45 11.36 -19.25
CA LEU A 235 -1.31 11.64 -18.11
C LEU A 235 -1.25 13.11 -17.69
N ILE A 236 -0.08 13.74 -17.85
CA ILE A 236 0.08 15.13 -17.44
C ILE A 236 -0.88 16.03 -18.22
N ASN A 237 -1.09 15.74 -19.50
CA ASN A 237 -1.96 16.61 -20.30
C ASN A 237 -3.43 16.43 -19.97
N SER A 238 -3.84 15.27 -19.46
CA SER A 238 -5.25 15.03 -19.18
C SER A 238 -5.70 15.62 -17.85
N VAL A 239 -5.02 16.68 -17.41
CA VAL A 239 -5.34 17.33 -16.13
C VAL A 239 -5.42 18.84 -16.34
N ARG A 240 -4.69 19.35 -17.31
CA ARG A 240 -4.70 20.78 -17.61
C ARG A 240 -6.13 21.27 -17.85
N GLY A 241 -6.57 22.20 -17.01
CA GLY A 241 -7.94 22.65 -16.97
C GLY A 241 -8.67 22.29 -15.71
N LYS A 242 -8.06 21.50 -14.83
CA LYS A 242 -8.73 20.99 -13.64
C LYS A 242 -7.86 21.07 -12.39
N VAL A 243 -6.77 21.85 -12.41
CA VAL A 243 -5.81 21.84 -11.31
C VAL A 243 -6.47 22.35 -10.02
N LEU A 244 -7.31 23.38 -10.13
CA LEU A 244 -7.99 23.88 -8.95
C LEU A 244 -9.01 22.86 -8.44
N VAL A 245 -9.76 22.24 -9.35
CA VAL A 245 -10.79 21.28 -8.96
C VAL A 245 -10.18 20.02 -8.36
N LEU A 246 -8.93 19.71 -8.69
CA LEU A 246 -8.29 18.48 -8.22
C LEU A 246 -7.42 18.69 -7.00
N SER A 247 -6.75 19.84 -6.88
CA SER A 247 -6.01 20.13 -5.66
C SER A 247 -6.93 20.19 -4.44
N GLN A 248 -8.23 20.36 -4.65
CA GLN A 248 -9.21 20.29 -3.58
C GLN A 248 -9.65 18.87 -3.28
N HIS A 249 -9.39 17.93 -4.18
CA HIS A 249 -9.81 16.55 -3.97
C HIS A 249 -8.79 15.81 -3.11
N LYS A 250 -9.29 14.99 -2.19
CA LYS A 250 -8.42 14.34 -1.20
C LYS A 250 -7.46 13.37 -1.86
N PHE A 251 -7.92 12.60 -2.84
CA PHE A 251 -7.06 11.60 -3.45
C PHE A 251 -6.23 12.19 -4.59
N ALA A 252 -6.89 12.93 -5.49
CA ALA A 252 -6.24 13.46 -6.67
C ALA A 252 -5.12 14.43 -6.36
N SER A 253 -5.13 15.05 -5.17
CA SER A 253 -4.11 16.04 -4.83
C SER A 253 -2.71 15.43 -4.82
N ASN A 254 -2.58 14.23 -4.25
CA ASN A 254 -1.29 13.54 -4.29
C ASN A 254 -0.85 13.30 -5.73
N VAL A 255 -1.81 12.96 -6.60
CA VAL A 255 -1.51 12.81 -8.03
C VAL A 255 -0.98 14.11 -8.60
N VAL A 256 -1.53 15.24 -8.14
CA VAL A 256 -1.04 16.54 -8.62
C VAL A 256 0.41 16.73 -8.17
N GLU A 257 0.70 16.49 -6.89
CA GLU A 257 2.06 16.61 -6.38
C GLU A 257 3.04 15.77 -7.22
N LYS A 258 2.79 14.46 -7.28
CA LYS A 258 3.66 13.57 -8.05
C LYS A 258 3.62 13.89 -9.55
N CYS A 259 2.71 14.77 -9.98
CA CYS A 259 2.73 15.24 -11.36
C CYS A 259 3.70 16.39 -11.53
N VAL A 260 3.72 17.33 -10.59
CA VAL A 260 4.63 18.47 -10.72
C VAL A 260 6.06 18.06 -10.41
N THR A 261 6.26 17.01 -9.62
CA THR A 261 7.62 16.56 -9.33
C THR A 261 8.30 16.02 -10.59
N HIS A 262 7.78 14.93 -11.14
CA HIS A 262 8.30 14.35 -12.36
C HIS A 262 7.64 15.03 -13.57
N ALA A 263 8.42 15.85 -14.29
CA ALA A 263 7.92 16.52 -15.49
C ALA A 263 9.10 17.18 -16.18
N THR A 264 8.91 17.52 -17.46
CA THR A 264 9.92 18.29 -18.17
C THR A 264 9.74 19.79 -17.89
N ARG A 265 10.66 20.58 -18.43
CA ARG A 265 10.58 22.03 -18.22
C ARG A 265 9.32 22.61 -18.84
N GLY A 266 8.90 22.07 -19.98
CA GLY A 266 7.70 22.57 -20.63
C GLY A 266 6.43 22.21 -19.89
N GLU A 267 6.37 21.02 -19.31
CA GLU A 267 5.21 20.62 -18.53
C GLU A 267 5.13 21.41 -17.21
N ARG A 268 6.25 21.47 -16.48
CA ARG A 268 6.30 22.25 -15.25
C ARG A 268 5.89 23.69 -15.50
N THR A 269 6.55 24.34 -16.47
CA THR A 269 6.23 25.73 -16.79
C THR A 269 4.78 25.87 -17.25
N GLY A 270 4.28 24.90 -18.02
CA GLY A 270 2.89 24.96 -18.46
C GLY A 270 1.89 24.94 -17.32
N LEU A 271 2.10 24.04 -16.36
CA LEU A 271 1.17 23.94 -15.25
C LEU A 271 1.29 25.14 -14.31
N ILE A 272 2.52 25.59 -14.05
CA ILE A 272 2.73 26.81 -13.28
C ILE A 272 2.00 27.98 -13.92
N ASP A 273 2.06 28.06 -15.26
CA ASP A 273 1.31 29.10 -15.96
C ASP A 273 -0.19 28.92 -15.79
N GLU A 274 -0.67 27.68 -15.75
CA GLU A 274 -2.09 27.45 -15.53
C GLU A 274 -2.51 27.96 -14.15
N VAL A 275 -1.69 27.74 -13.12
CA VAL A 275 -2.03 28.19 -11.78
C VAL A 275 -1.63 29.64 -11.53
N CYS A 276 -1.03 30.30 -12.52
CA CYS A 276 -0.75 31.73 -12.39
C CYS A 276 -1.94 32.58 -12.82
N THR A 277 -2.80 32.06 -13.69
CA THR A 277 -3.95 32.79 -14.21
C THR A 277 -5.21 32.55 -13.40
N PHE A 278 -5.09 32.32 -12.09
CA PHE A 278 -6.23 32.06 -11.24
C PHE A 278 -6.81 33.37 -10.70
N ASN A 279 -8.13 33.47 -10.71
CA ASN A 279 -8.85 34.69 -10.33
C ASN A 279 -8.72 34.91 -8.83
N ASP A 280 -7.58 35.50 -8.43
CA ASP A 280 -7.32 35.98 -7.07
C ASP A 280 -7.92 35.12 -5.96
N ASN A 281 -9.25 35.04 -5.91
CA ASN A 281 -9.91 34.27 -4.86
C ASN A 281 -9.66 32.78 -5.01
N ALA A 282 -9.36 32.30 -6.22
CA ALA A 282 -8.98 30.90 -6.37
C ALA A 282 -7.61 30.64 -5.76
N LEU A 283 -6.72 31.63 -5.81
CA LEU A 283 -5.49 31.54 -5.01
C LEU A 283 -5.82 31.41 -3.54
N HIS A 284 -6.85 32.13 -3.07
CA HIS A 284 -7.30 31.99 -1.69
C HIS A 284 -7.82 30.58 -1.42
N VAL A 285 -8.51 29.99 -2.41
CA VAL A 285 -8.92 28.60 -2.27
C VAL A 285 -7.70 27.70 -2.14
N MET A 286 -6.67 27.97 -2.93
CA MET A 286 -5.42 27.21 -2.86
C MET A 286 -4.80 27.29 -1.48
N MET A 287 -4.34 28.46 -1.08
CA MET A 287 -3.66 28.60 0.20
C MET A 287 -4.55 28.19 1.36
N LYS A 288 -5.87 28.28 1.20
CA LYS A 288 -6.76 28.00 2.30
C LYS A 288 -7.09 26.52 2.40
N ASP A 289 -7.61 25.93 1.31
CA ASP A 289 -8.14 24.57 1.33
C ASP A 289 -7.14 23.60 1.91
N GLN A 290 -7.68 22.55 2.56
CA GLN A 290 -6.85 21.64 3.36
C GLN A 290 -5.92 20.77 2.53
N TYR A 291 -6.21 20.57 1.24
CA TYR A 291 -5.40 19.73 0.38
C TYR A 291 -4.57 20.51 -0.62
N ALA A 292 -5.12 21.59 -1.17
CA ALA A 292 -4.44 22.32 -2.22
C ALA A 292 -3.08 22.85 -1.76
N ASN A 293 -3.00 23.29 -0.50
CA ASN A 293 -1.78 23.94 -0.04
C ASN A 293 -0.56 23.03 -0.17
N TYR A 294 -0.77 21.72 -0.07
CA TYR A 294 0.31 20.78 -0.36
C TYR A 294 0.77 20.93 -1.81
N VAL A 295 -0.19 20.98 -2.74
CA VAL A 295 0.14 21.24 -4.14
C VAL A 295 0.94 22.53 -4.26
N VAL A 296 0.50 23.57 -3.54
CA VAL A 296 1.21 24.85 -3.54
C VAL A 296 2.67 24.65 -3.17
N GLN A 297 2.92 23.97 -2.06
CA GLN A 297 4.29 23.87 -1.54
C GLN A 297 5.18 23.03 -2.45
N LYS A 298 4.69 21.85 -2.85
CA LYS A 298 5.45 21.05 -3.80
C LYS A 298 5.66 21.79 -5.11
N MET A 299 4.82 22.77 -5.43
CA MET A 299 5.12 23.68 -6.54
C MET A 299 6.24 24.64 -6.18
N ILE A 300 6.28 25.10 -4.93
CA ILE A 300 7.30 26.06 -4.51
C ILE A 300 8.69 25.41 -4.54
N ASP A 301 8.77 24.11 -4.30
CA ASP A 301 10.07 23.48 -4.09
C ASP A 301 10.77 23.00 -5.37
N VAL A 302 10.05 22.77 -6.46
CA VAL A 302 10.61 22.09 -7.64
C VAL A 302 10.65 22.96 -8.88
N SER A 303 10.25 24.22 -8.80
CA SER A 303 10.19 25.07 -9.99
C SER A 303 11.54 25.70 -10.29
N GLU A 304 11.73 26.08 -11.56
CA GLU A 304 12.92 26.81 -11.95
C GLU A 304 12.86 28.23 -11.41
N PRO A 305 14.02 28.87 -11.19
CA PRO A 305 14.03 30.16 -10.49
C PRO A 305 13.21 31.26 -11.16
N THR A 306 13.02 31.19 -12.48
CA THR A 306 12.17 32.17 -13.16
C THR A 306 10.73 32.08 -12.64
N GLN A 307 10.14 30.89 -12.70
CA GLN A 307 8.83 30.69 -12.10
C GLN A 307 8.83 30.98 -10.60
N LEU A 308 9.96 30.72 -9.93
CA LEU A 308 10.08 31.00 -8.50
C LEU A 308 9.84 32.48 -8.20
N LYS A 309 10.65 33.36 -8.79
CA LYS A 309 10.46 34.78 -8.52
C LYS A 309 9.19 35.33 -9.17
N LYS A 310 8.67 34.67 -10.21
CA LYS A 310 7.36 35.03 -10.73
C LYS A 310 6.21 34.32 -10.00
N LEU A 311 6.47 33.75 -8.85
CA LEU A 311 5.43 33.14 -8.02
C LEU A 311 5.46 33.59 -6.56
N MET A 312 6.65 33.76 -5.98
CA MET A 312 6.79 34.30 -4.63
C MET A 312 6.06 35.62 -4.50
N THR A 313 5.92 36.32 -5.64
CA THR A 313 5.14 37.55 -5.69
C THR A 313 3.68 37.30 -6.04
N LYS A 314 3.39 36.25 -6.81
CA LYS A 314 2.04 36.06 -7.34
C LYS A 314 1.02 35.85 -6.23
N ILE A 315 1.43 35.26 -5.11
CA ILE A 315 0.52 35.01 -4.00
C ILE A 315 1.18 35.55 -2.73
N ARG A 316 2.03 36.56 -2.88
CA ARG A 316 2.64 37.18 -1.72
C ARG A 316 1.64 37.89 -0.81
N PRO A 317 0.56 38.51 -1.29
CA PRO A 317 -0.40 39.10 -0.33
C PRO A 317 -1.13 38.06 0.51
N HIS A 318 -1.56 36.96 -0.10
CA HIS A 318 -2.30 35.93 0.62
C HIS A 318 -1.50 35.32 1.75
N MET A 319 -0.16 35.46 1.71
CA MET A 319 0.68 35.15 2.86
C MET A 319 0.08 35.67 4.16
N ALA A 320 -0.31 36.95 4.17
CA ALA A 320 -0.85 37.55 5.38
C ALA A 320 -2.05 36.76 5.91
N ALA A 321 -2.86 36.21 5.01
CA ALA A 321 -3.97 35.35 5.39
C ALA A 321 -3.54 33.90 5.65
N LEU A 322 -2.26 33.58 5.52
CA LEU A 322 -1.75 32.24 5.78
C LEU A 322 -0.93 32.13 7.06
N ARG A 323 -0.62 33.26 7.71
CA ARG A 323 0.26 33.20 8.87
C ARG A 323 -0.42 32.54 10.07
N LYS A 324 -1.74 32.68 10.18
CA LYS A 324 -2.47 32.13 11.31
C LYS A 324 -2.72 30.63 11.20
N TYR A 325 -2.11 29.97 10.22
CA TYR A 325 -2.19 28.52 10.08
C TYR A 325 -0.94 27.90 10.68
N THR A 326 -0.52 26.75 10.15
CA THR A 326 0.73 26.10 10.58
C THR A 326 1.83 26.24 9.54
N TYR A 327 1.63 27.06 8.51
CA TYR A 327 2.54 27.11 7.37
C TYR A 327 3.60 28.18 7.63
N GLY A 328 4.82 27.75 7.91
CA GLY A 328 5.95 28.65 8.01
C GLY A 328 6.78 28.62 6.74
N LYS A 329 6.48 29.52 5.80
CA LYS A 329 7.13 29.56 4.50
C LYS A 329 7.89 30.88 4.36
N HIS A 330 9.21 30.79 4.33
CA HIS A 330 10.09 31.96 4.24
C HIS A 330 9.96 32.64 2.88
N SER B 29 -1.78 12.92 22.62
CA SER B 29 -0.36 12.87 22.96
C SER B 29 0.01 13.87 24.07
N ARG B 30 -0.64 13.71 25.23
CA ARG B 30 -0.49 14.50 26.46
C ARG B 30 -0.67 16.00 26.25
N HIS B 31 -1.03 16.44 25.04
CA HIS B 31 -1.32 17.85 24.79
C HIS B 31 -2.24 17.99 23.58
N CYS B 32 -2.89 19.15 23.48
CA CYS B 32 -3.82 19.43 22.39
C CYS B 32 -3.14 20.34 21.38
N VAL B 33 -3.18 19.93 20.10
CA VAL B 33 -2.55 20.74 19.07
C VAL B 33 -3.34 22.02 18.84
N PHE B 34 -4.66 21.89 18.73
CA PHE B 34 -5.52 23.04 18.43
C PHE B 34 -5.21 24.21 19.36
N CYS B 35 -5.32 23.99 20.66
CA CYS B 35 -5.01 25.06 21.61
C CYS B 35 -3.57 25.54 21.51
N GLU B 36 -2.67 24.72 21.00
CA GLU B 36 -1.28 25.17 20.84
C GLU B 36 -1.13 26.10 19.63
N ASN B 37 -1.59 25.65 18.46
CA ASN B 37 -1.55 26.51 17.28
C ASN B 37 -2.41 27.75 17.45
N ASN B 38 -3.42 27.70 18.33
CA ASN B 38 -4.19 28.89 18.66
C ASN B 38 -3.50 29.74 19.71
N ASN B 39 -2.32 29.32 20.17
CA ASN B 39 -1.50 30.11 21.10
C ASN B 39 -2.19 30.34 22.43
N GLU B 40 -3.00 29.37 22.88
CA GLU B 40 -3.50 29.40 24.24
C GLU B 40 -2.32 29.19 25.20
N PRO B 41 -2.47 29.57 26.47
CA PRO B 41 -1.36 29.43 27.42
C PRO B 41 -0.90 27.98 27.52
N GLU B 42 0.37 27.81 27.93
CA GLU B 42 0.98 26.48 27.85
C GLU B 42 0.29 25.48 28.76
N ALA B 43 -0.24 25.94 29.89
CA ALA B 43 -0.98 25.05 30.78
C ALA B 43 -2.17 24.43 30.06
N VAL B 44 -2.92 25.24 29.30
CA VAL B 44 -4.06 24.73 28.54
C VAL B 44 -3.60 23.77 27.45
N ILE B 45 -2.47 24.08 26.80
CA ILE B 45 -1.96 23.24 25.73
C ILE B 45 -1.76 21.80 26.22
N ASN B 46 -1.10 21.65 27.35
CA ASN B 46 -0.80 20.32 27.90
C ASN B 46 -1.90 19.80 28.82
N SER B 47 -3.06 20.45 28.87
CA SER B 47 -4.12 20.05 29.79
C SER B 47 -5.13 19.10 29.17
N HIS B 48 -5.07 18.86 27.87
CA HIS B 48 -6.00 17.95 27.22
C HIS B 48 -5.45 17.61 25.84
N SER B 49 -6.05 16.61 25.21
CA SER B 49 -5.75 16.25 23.83
C SER B 49 -6.87 16.72 22.92
N VAL B 50 -6.60 16.72 21.62
CA VAL B 50 -7.58 17.20 20.66
C VAL B 50 -8.79 16.27 20.62
N ARG B 51 -8.56 15.01 20.25
CA ARG B 51 -9.66 14.06 20.13
C ARG B 51 -9.71 13.11 21.31
N ASP B 52 -10.16 11.88 21.08
CA ASP B 52 -10.63 11.02 22.16
C ASP B 52 -10.09 9.61 21.99
N ASN B 53 -10.16 8.84 23.07
CA ASN B 53 -9.94 7.39 22.97
C ASN B 53 -11.03 6.74 22.13
N PHE B 54 -12.23 7.33 22.13
CA PHE B 54 -13.32 6.91 21.26
C PHE B 54 -13.31 7.62 19.92
N ASN B 55 -12.35 8.53 19.71
CA ASN B 55 -12.25 9.37 18.51
C ASN B 55 -13.40 10.39 18.40
N ARG B 56 -13.89 10.86 19.55
CA ARG B 56 -14.76 12.03 19.59
C ARG B 56 -13.89 13.29 19.51
N VAL B 57 -14.47 14.42 19.88
CA VAL B 57 -13.72 15.66 20.05
C VAL B 57 -13.65 15.96 21.53
N LEU B 58 -12.47 16.34 22.00
CA LEU B 58 -12.26 16.56 23.42
C LEU B 58 -11.98 18.01 23.78
N CYS B 59 -11.26 18.74 22.94
CA CYS B 59 -10.91 20.12 23.23
C CYS B 59 -12.17 20.97 23.40
N PRO B 60 -12.39 21.57 24.57
CA PRO B 60 -13.62 22.35 24.75
C PRO B 60 -13.70 23.56 23.83
N LYS B 61 -12.55 24.21 23.56
CA LYS B 61 -12.53 25.33 22.62
C LYS B 61 -13.13 24.92 21.27
N LEU B 62 -12.83 23.71 20.81
CA LEU B 62 -13.36 23.21 19.55
C LEU B 62 -14.74 22.60 19.69
N ARG B 63 -15.12 22.13 20.88
CA ARG B 63 -16.45 21.59 21.08
C ARG B 63 -17.51 22.69 21.14
N THR B 64 -17.13 23.89 21.58
CA THR B 64 -18.08 24.98 21.66
C THR B 64 -18.52 25.48 20.29
N TYR B 65 -17.73 25.24 19.25
CA TYR B 65 -17.96 25.85 17.94
C TYR B 65 -19.01 25.06 17.16
N VAL B 66 -20.07 25.75 16.73
CA VAL B 66 -21.09 25.18 15.86
C VAL B 66 -20.73 25.50 14.42
N CYS B 67 -20.72 24.48 13.56
CA CYS B 67 -20.31 24.68 12.17
C CYS B 67 -21.34 25.52 11.42
N PRO B 68 -20.95 26.66 10.84
CA PRO B 68 -21.90 27.44 10.04
C PRO B 68 -22.32 26.77 8.74
N ILE B 69 -21.66 25.68 8.35
CA ILE B 69 -21.96 24.98 7.10
C ILE B 69 -22.84 23.76 7.35
N CYS B 70 -22.50 22.93 8.34
CA CYS B 70 -23.24 21.69 8.59
C CYS B 70 -23.84 21.62 9.99
N GLY B 71 -23.73 22.68 10.78
CA GLY B 71 -24.38 22.73 12.08
C GLY B 71 -23.80 21.83 13.16
N ALA B 72 -22.97 20.86 12.76
CA ALA B 72 -22.47 19.88 13.71
C ALA B 72 -21.76 20.55 14.88
N SER B 73 -21.84 19.92 16.04
CA SER B 73 -21.33 20.49 17.27
C SER B 73 -20.67 19.41 18.09
N GLY B 74 -19.85 19.83 19.06
CA GLY B 74 -19.32 18.95 20.07
C GLY B 74 -18.60 17.71 19.58
N ASP B 75 -19.28 16.56 19.64
CA ASP B 75 -18.62 15.28 19.41
C ASP B 75 -17.96 15.20 18.04
N SER B 76 -18.61 15.77 17.03
CA SER B 76 -18.09 15.80 15.67
C SER B 76 -17.66 17.19 15.24
N ALA B 77 -17.50 18.11 16.18
CA ALA B 77 -17.18 19.50 15.86
C ALA B 77 -15.89 19.58 15.04
N HIS B 78 -15.77 20.68 14.29
CA HIS B 78 -14.66 20.87 13.37
C HIS B 78 -14.71 22.31 12.86
N THR B 79 -13.56 22.79 12.40
CA THR B 79 -13.49 24.13 11.82
C THR B 79 -13.90 24.08 10.35
N ILE B 80 -14.01 25.28 9.75
CA ILE B 80 -14.64 25.41 8.45
C ILE B 80 -13.79 24.74 7.37
N LYS B 81 -12.48 24.95 7.41
CA LYS B 81 -11.62 24.42 6.35
C LYS B 81 -11.71 22.89 6.28
N TYR B 82 -11.93 22.23 7.42
CA TYR B 82 -12.00 20.78 7.49
C TYR B 82 -13.43 20.27 7.49
N CYS B 83 -14.41 21.13 7.24
CA CYS B 83 -15.80 20.71 7.23
C CYS B 83 -16.06 19.73 6.10
N PRO B 84 -16.84 18.67 6.35
CA PRO B 84 -17.10 17.68 5.29
C PRO B 84 -17.97 18.21 4.15
N LYS B 85 -18.55 19.40 4.27
CA LYS B 85 -19.39 19.96 3.23
C LYS B 85 -18.76 21.16 2.53
N LYS B 86 -17.55 21.57 2.93
CA LYS B 86 -16.78 22.60 2.23
C LYS B 86 -16.76 22.26 0.74
N PRO B 87 -17.50 23.00 -0.07
CA PRO B 87 -17.79 22.53 -1.43
C PRO B 87 -16.59 22.60 -2.35
N ILE B 88 -16.53 21.66 -3.28
CA ILE B 88 -15.54 21.71 -4.34
C ILE B 88 -15.76 22.98 -5.15
N ILE B 89 -14.67 23.70 -5.42
CA ILE B 89 -14.71 24.97 -6.13
C ILE B 89 -14.12 24.76 -7.52
N THR B 90 -14.94 24.98 -8.54
CA THR B 90 -14.53 24.83 -9.94
C THR B 90 -13.94 26.14 -10.44
N MET B 91 -13.68 26.22 -11.75
CA MET B 91 -13.21 27.48 -12.32
C MET B 91 -14.36 28.45 -12.52
N GLU B 92 -15.49 27.97 -13.06
CA GLU B 92 -16.64 28.82 -13.30
C GLU B 92 -17.19 29.41 -12.00
N ASP B 93 -17.12 28.65 -10.91
CA ASP B 93 -17.49 29.19 -9.61
C ASP B 93 -16.52 30.30 -9.19
N ALA B 94 -15.23 30.15 -9.52
CA ALA B 94 -14.24 31.19 -9.24
C ALA B 94 -14.43 32.41 -10.13
N ILE B 95 -15.14 32.26 -11.25
CA ILE B 95 -15.44 33.39 -12.12
C ILE B 95 -16.71 34.11 -11.66
N LYS B 96 -17.73 33.37 -11.22
CA LYS B 96 -18.96 33.98 -10.74
C LYS B 96 -18.71 34.86 -9.51
N ALA B 97 -17.75 34.47 -8.67
CA ALA B 97 -17.44 35.20 -7.44
C ALA B 97 -16.55 36.41 -7.75
N GLU B 98 -17.07 37.30 -8.59
CA GLU B 98 -16.36 38.52 -8.95
C GLU B 98 -17.33 39.58 -9.50
ZN ZN D . -7.45 22.34 22.85
ZN ZN E . -19.36 21.30 8.99
#